data_2YJ5
#
_entry.id   2YJ5
#
_cell.length_a   54.020
_cell.length_b   76.180
_cell.length_c   137.640
_cell.angle_alpha   90.00
_cell.angle_beta   90.00
_cell.angle_gamma   90.00
#
_symmetry.space_group_name_H-M   'P 21 21 21'
#
loop_
_entity.id
_entity.type
_entity.pdbx_description
1 polymer 'COPPER-TRANSPORTING ATPASE'
2 non-polymer "5'-O-[(S)-hydroxy{[(R)-hydroxy({(S)-hydroxy[(1S)-1-(2-nitrophenyl)ethoxy]phosphoryl}oxy)phosphoryl]oxy}phosphoryl]adenosine"
3 non-polymer "ADENOSINE-5'-TRIPHOSPHATE"
4 water water
#
_entity_poly.entity_id   1
_entity_poly.type   'polypeptide(L)'
_entity_poly.pdbx_seq_one_letter_code
;MALSLYEKMLHKGMIIKNSNVYEKIKEIDTIIFNKTGTLTYGTPIVTQFIGDSLSLAYAASVEALSSHPIAKAIVKYAKE
QGVKILEVKDFKEISGIGVRGKISDKIIEVKKAENNNDIAVYINGEPIASFNISDVPRPNLKDYLEKLKNEGLKIIILSG
DKEDKVKELSKELNIQEYYSNLSPEDKVRIIEKLKQNGNKVLMIGDGVNDAAALALADVSVAMGNGVDISKNVADIILVS
NDIGTLLGLIKNRKRLSNAIPSN
;
_entity_poly.pdbx_strand_id   A,B
#
loop_
_chem_comp.id
_chem_comp.type
_chem_comp.name
_chem_comp.formula
A99 non-polymer 5'-O-[(S)-hydroxy{[(R)-hydroxy({(S)-hydroxy[(1S)-1-(2-nitrophenyl)ethoxy]phosphoryl}oxy)phosphoryl]oxy}phosphoryl]adenosine 'C18 H23 N6 O15 P3'
ATP non-polymer ADENOSINE-5'-TRIPHOSPHATE 'C10 H16 N5 O13 P3'
#
# COMPACT_ATOMS: atom_id res chain seq x y z
N LEU A 3 -5.75 45.18 -28.58
CA LEU A 3 -6.05 43.86 -28.03
C LEU A 3 -6.78 43.96 -26.69
N SER A 4 -8.00 43.42 -26.66
CA SER A 4 -8.82 43.36 -25.44
C SER A 4 -8.22 42.46 -24.35
N LEU A 5 -8.86 42.42 -23.19
CA LEU A 5 -8.43 41.50 -22.12
C LEU A 5 -8.65 40.05 -22.57
N TYR A 6 -9.63 39.84 -23.44
CA TYR A 6 -9.89 38.53 -23.97
C TYR A 6 -8.79 38.11 -24.95
N GLU A 7 -8.17 39.07 -25.62
CA GLU A 7 -7.11 38.76 -26.58
C GLU A 7 -5.77 38.52 -25.89
N LYS A 8 -5.53 39.25 -24.81
CA LYS A 8 -4.26 39.14 -24.09
C LYS A 8 -4.22 37.87 -23.26
N MET A 9 -5.39 37.44 -22.82
CA MET A 9 -5.47 36.24 -21.99
C MET A 9 -5.35 35.01 -22.89
N LEU A 10 -5.93 35.10 -24.08
CA LEU A 10 -5.87 34.03 -25.05
C LEU A 10 -4.44 33.86 -25.56
N HIS A 11 -3.75 34.97 -25.77
CA HIS A 11 -2.36 34.90 -26.22
C HIS A 11 -1.55 34.11 -25.22
N LYS A 12 -1.92 34.22 -23.95
CA LYS A 12 -1.23 33.52 -22.87
C LYS A 12 -1.87 32.17 -22.60
N GLY A 13 -2.38 31.52 -23.63
CA GLY A 13 -2.91 30.18 -23.51
C GLY A 13 -4.27 30.00 -22.84
N MET A 14 -4.89 31.08 -22.35
CA MET A 14 -6.13 30.98 -21.56
C MET A 14 -7.38 31.62 -22.19
N ILE A 15 -8.42 30.81 -22.35
CA ILE A 15 -9.73 31.29 -22.78
C ILE A 15 -10.59 31.64 -21.56
N ILE A 16 -11.00 32.89 -21.45
CA ILE A 16 -11.91 33.32 -20.39
C ILE A 16 -13.36 33.38 -20.86
N LYS A 17 -14.12 32.34 -20.50
CA LYS A 17 -15.55 32.29 -20.82
C LYS A 17 -16.32 33.23 -19.91
N ASN A 18 -15.83 33.40 -18.68
CA ASN A 18 -16.52 34.25 -17.70
C ASN A 18 -16.35 35.76 -17.97
N SER A 19 -16.10 36.52 -16.91
CA SER A 19 -16.09 37.97 -16.99
C SER A 19 -15.63 38.60 -15.69
N ASN A 20 -16.35 38.30 -14.61
CA ASN A 20 -16.07 38.83 -13.27
C ASN A 20 -15.01 37.99 -12.58
N VAL A 21 -14.57 36.96 -13.29
CA VAL A 21 -13.58 36.02 -12.79
C VAL A 21 -12.33 36.73 -12.25
N TYR A 22 -12.01 37.89 -12.82
CA TYR A 22 -10.80 38.63 -12.44
C TYR A 22 -10.78 39.12 -11.00
N GLU A 23 -11.89 39.74 -10.56
CA GLU A 23 -12.03 40.22 -9.19
C GLU A 23 -12.27 39.08 -8.20
N LYS A 24 -12.82 37.98 -8.71
CA LYS A 24 -13.06 36.77 -7.92
C LYS A 24 -11.74 36.14 -7.48
N ILE A 25 -10.78 36.10 -8.39
CA ILE A 25 -9.49 35.47 -8.10
C ILE A 25 -8.76 36.11 -6.94
N LYS A 26 -8.95 37.42 -6.75
CA LYS A 26 -8.23 38.12 -5.69
C LYS A 26 -8.45 37.46 -4.34
N GLU A 27 -9.63 36.87 -4.17
CA GLU A 27 -10.05 36.36 -2.86
C GLU A 27 -9.51 34.96 -2.56
N ILE A 28 -9.33 34.16 -3.61
CA ILE A 28 -8.91 32.77 -3.51
C ILE A 28 -7.87 32.51 -2.42
N ASP A 29 -8.13 31.53 -1.55
CA ASP A 29 -7.18 31.19 -0.49
C ASP A 29 -6.78 29.70 -0.49
N THR A 30 -7.53 28.88 -1.23
CA THR A 30 -7.31 27.43 -1.26
C THR A 30 -7.29 26.93 -2.70
N ILE A 31 -6.37 26.02 -3.01
CA ILE A 31 -6.28 25.41 -4.35
C ILE A 31 -6.47 23.90 -4.31
N ILE A 32 -7.36 23.39 -5.15
CA ILE A 32 -7.64 21.96 -5.20
C ILE A 32 -7.48 21.38 -6.60
N PHE A 33 -6.63 20.37 -6.72
CA PHE A 33 -6.45 19.63 -7.96
C PHE A 33 -7.26 18.32 -7.97
N ASN A 34 -7.95 18.07 -9.07
CA ASN A 34 -8.39 16.72 -9.38
C ASN A 34 -7.22 16.01 -10.08
N LYS A 35 -6.68 14.96 -9.47
CA LYS A 35 -5.42 14.36 -9.92
C LYS A 35 -5.37 14.01 -11.39
N THR A 36 -6.24 13.11 -11.83
CA THR A 36 -6.14 12.54 -13.15
C THR A 36 -6.41 13.58 -14.23
N GLY A 37 -5.47 13.69 -15.18
CA GLY A 37 -5.61 14.62 -16.29
C GLY A 37 -5.10 16.03 -16.05
N THR A 38 -5.17 16.50 -14.81
CA THR A 38 -4.58 17.80 -14.48
C THR A 38 -3.13 17.65 -14.03
N LEU A 39 -2.88 16.94 -12.93
CA LEU A 39 -1.50 16.69 -12.50
C LEU A 39 -0.78 15.57 -13.31
N THR A 40 -1.54 14.87 -14.16
CA THR A 40 -0.99 13.84 -15.07
C THR A 40 -1.55 13.99 -16.47
N TYR A 41 -0.99 13.27 -17.43
CA TYR A 41 -1.50 13.33 -18.81
C TYR A 41 -2.81 12.57 -19.00
N GLY A 42 -3.19 11.77 -18.02
CA GLY A 42 -4.36 10.91 -18.14
C GLY A 42 -4.14 9.78 -19.15
N THR A 43 -2.98 9.14 -19.09
CA THR A 43 -2.57 8.22 -20.15
C THR A 43 -1.86 6.96 -19.62
N PRO A 44 -2.58 5.83 -19.54
CA PRO A 44 -2.00 4.61 -18.94
C PRO A 44 -0.78 4.06 -19.70
N ILE A 45 0.23 3.61 -18.96
CA ILE A 45 1.32 2.81 -19.52
C ILE A 45 1.57 1.63 -18.60
N VAL A 46 2.27 0.62 -19.11
CA VAL A 46 2.68 -0.53 -18.30
C VAL A 46 3.94 -0.23 -17.49
N THR A 47 3.85 -0.25 -16.16
CA THR A 47 5.02 0.03 -15.32
C THR A 47 5.79 -1.25 -14.91
N GLN A 48 5.11 -2.39 -14.97
CA GLN A 48 5.79 -3.67 -14.70
C GLN A 48 4.99 -4.88 -15.20
N PHE A 49 5.72 -5.88 -15.68
CA PHE A 49 5.13 -7.13 -16.16
C PHE A 49 5.79 -8.32 -15.50
N ILE A 50 4.98 -9.21 -14.99
CA ILE A 50 5.48 -10.40 -14.33
C ILE A 50 4.95 -11.63 -15.06
N GLY A 51 5.84 -12.44 -15.63
CA GLY A 51 5.51 -13.59 -16.44
C GLY A 51 6.55 -13.82 -17.55
N ASP A 52 6.30 -14.77 -18.45
CA ASP A 52 7.26 -14.96 -19.53
C ASP A 52 6.75 -14.41 -20.86
N SER A 53 7.64 -14.37 -21.85
CA SER A 53 7.40 -13.86 -23.20
C SER A 53 6.24 -14.54 -23.96
N LEU A 54 6.06 -15.84 -23.77
CA LEU A 54 4.96 -16.50 -24.44
C LEU A 54 3.61 -15.96 -23.90
N SER A 55 3.52 -15.90 -22.58
CA SER A 55 2.37 -15.29 -21.92
C SER A 55 2.14 -13.84 -22.34
N LEU A 56 3.21 -13.05 -22.47
CA LEU A 56 3.11 -11.66 -22.94
C LEU A 56 2.56 -11.58 -24.37
N ALA A 57 3.00 -12.48 -25.26
CA ALA A 57 2.52 -12.48 -26.68
C ALA A 57 1.04 -12.86 -26.79
N TYR A 58 0.64 -13.91 -26.07
CA TYR A 58 -0.78 -14.26 -26.02
C TYR A 58 -1.65 -13.06 -25.60
N ALA A 59 -1.28 -12.40 -24.49
CA ALA A 59 -2.12 -11.31 -23.96
C ALA A 59 -2.21 -10.16 -24.97
N ALA A 60 -1.08 -9.77 -25.54
CA ALA A 60 -1.10 -8.73 -26.57
C ALA A 60 -1.97 -9.13 -27.79
N SER A 61 -1.88 -10.38 -28.21
CA SER A 61 -2.63 -10.84 -29.40
C SER A 61 -4.13 -10.60 -29.27
N VAL A 62 -4.68 -10.97 -28.11
CA VAL A 62 -6.11 -10.74 -27.80
C VAL A 62 -6.45 -9.27 -27.57
N GLU A 63 -5.54 -8.49 -26.99
CA GLU A 63 -5.82 -7.07 -26.68
C GLU A 63 -5.70 -6.23 -27.95
N ALA A 64 -5.06 -6.76 -28.98
CA ALA A 64 -4.97 -6.07 -30.27
C ALA A 64 -6.32 -5.85 -30.98
N LEU A 65 -7.36 -6.57 -30.55
CA LEU A 65 -8.70 -6.47 -31.14
C LEU A 65 -9.59 -5.48 -30.35
N SER A 66 -9.11 -4.97 -29.23
CA SER A 66 -9.83 -3.95 -28.48
C SER A 66 -9.28 -2.56 -28.79
N SER A 67 -10.06 -1.52 -28.45
CA SER A 67 -9.57 -0.14 -28.60
C SER A 67 -9.65 0.64 -27.27
N HIS A 68 -9.98 -0.06 -26.19
CA HIS A 68 -9.88 0.46 -24.83
C HIS A 68 -8.42 0.87 -24.54
N PRO A 69 -8.21 2.03 -23.90
CA PRO A 69 -6.85 2.53 -23.64
C PRO A 69 -5.93 1.58 -22.82
N ILE A 70 -6.51 0.71 -21.99
CA ILE A 70 -5.73 -0.34 -21.34
C ILE A 70 -5.19 -1.36 -22.36
N ALA A 71 -6.03 -1.76 -23.31
CA ALA A 71 -5.58 -2.70 -24.32
C ALA A 71 -4.49 -2.07 -25.18
N LYS A 72 -4.65 -0.82 -25.56
CA LYS A 72 -3.66 -0.17 -26.41
C LYS A 72 -2.30 -0.06 -25.71
N ALA A 73 -2.32 0.12 -24.39
CA ALA A 73 -1.07 0.21 -23.61
C ALA A 73 -0.32 -1.15 -23.51
N ILE A 74 -1.07 -2.22 -23.29
CA ILE A 74 -0.50 -3.57 -23.26
C ILE A 74 0.15 -3.94 -24.62
N VAL A 75 -0.62 -3.81 -25.71
CA VAL A 75 -0.09 -4.00 -27.06
C VAL A 75 1.21 -3.23 -27.34
N LYS A 76 1.22 -1.95 -26.97
CA LYS A 76 2.38 -1.08 -27.19
C LYS A 76 3.60 -1.50 -26.37
N TYR A 77 3.42 -1.78 -25.07
CA TYR A 77 4.49 -2.41 -24.28
C TYR A 77 5.05 -3.72 -24.90
N ALA A 78 4.16 -4.65 -25.30
CA ALA A 78 4.62 -5.93 -25.89
C ALA A 78 5.45 -5.71 -27.15
N LYS A 79 5.02 -4.82 -28.02
CA LYS A 79 5.79 -4.54 -29.23
C LYS A 79 7.17 -3.96 -28.94
N GLU A 80 7.28 -3.14 -27.87
CA GLU A 80 8.57 -2.63 -27.39
C GLU A 80 9.49 -3.75 -26.91
N GLN A 81 8.90 -4.83 -26.37
CA GLN A 81 9.69 -5.97 -25.87
C GLN A 81 10.07 -6.92 -26.99
N GLY A 82 9.55 -6.69 -28.19
CA GLY A 82 10.01 -7.43 -29.36
C GLY A 82 9.22 -8.65 -29.79
N VAL A 83 8.09 -8.94 -29.14
CA VAL A 83 7.23 -10.06 -29.58
C VAL A 83 6.23 -9.59 -30.64
N LYS A 84 5.61 -10.52 -31.35
CA LYS A 84 4.64 -10.13 -32.36
C LYS A 84 3.19 -10.62 -32.12
N ILE A 85 2.29 -10.10 -32.96
CA ILE A 85 0.87 -10.39 -32.86
C ILE A 85 0.50 -11.72 -33.54
N LEU A 86 -0.30 -12.54 -32.85
CA LEU A 86 -0.69 -13.84 -33.37
C LEU A 86 -2.20 -13.83 -33.55
N GLU A 87 -2.71 -14.68 -34.44
CA GLU A 87 -4.13 -14.68 -34.82
C GLU A 87 -5.06 -15.29 -33.76
N VAL A 88 -6.20 -14.65 -33.55
CA VAL A 88 -7.16 -15.06 -32.53
C VAL A 88 -8.55 -15.41 -33.06
N LYS A 89 -9.07 -16.57 -32.66
CA LYS A 89 -10.44 -16.95 -32.99
C LYS A 89 -11.39 -16.71 -31.80
N ASP A 90 -12.68 -16.57 -32.10
CA ASP A 90 -13.75 -16.49 -31.09
C ASP A 90 -13.59 -15.33 -30.12
N PHE A 91 -13.01 -14.24 -30.60
CA PHE A 91 -12.79 -13.08 -29.76
C PHE A 91 -14.11 -12.53 -29.20
N LYS A 92 -14.12 -12.17 -27.92
CA LYS A 92 -15.25 -11.44 -27.34
C LYS A 92 -14.81 -10.38 -26.34
N GLU A 93 -15.35 -9.17 -26.48
CA GLU A 93 -15.11 -8.12 -25.50
C GLU A 93 -16.33 -7.96 -24.61
N ILE A 94 -16.08 -7.66 -23.33
CA ILE A 94 -17.11 -7.63 -22.30
C ILE A 94 -16.86 -6.41 -21.41
N SER A 95 -17.41 -5.28 -21.81
CA SER A 95 -17.23 -4.01 -21.10
C SER A 95 -17.34 -4.13 -19.57
N GLY A 96 -16.50 -3.35 -18.87
CA GLY A 96 -16.45 -3.38 -17.42
C GLY A 96 -15.58 -4.50 -16.87
N ILE A 97 -15.27 -5.48 -17.72
CA ILE A 97 -14.54 -6.68 -17.29
C ILE A 97 -13.22 -6.85 -18.06
N GLY A 98 -13.33 -7.15 -19.34
CA GLY A 98 -12.16 -7.25 -20.18
C GLY A 98 -12.40 -8.06 -21.44
N VAL A 99 -11.47 -8.95 -21.74
CA VAL A 99 -11.32 -9.48 -23.08
C VAL A 99 -11.07 -10.99 -23.06
N ARG A 100 -11.47 -11.69 -24.12
CA ARG A 100 -11.34 -13.14 -24.15
C ARG A 100 -11.16 -13.65 -25.59
N GLY A 101 -10.54 -14.82 -25.76
CA GLY A 101 -10.23 -15.36 -27.08
C GLY A 101 -9.44 -16.66 -27.11
N LYS A 102 -9.27 -17.23 -28.30
CA LYS A 102 -8.66 -18.56 -28.46
C LYS A 102 -7.47 -18.59 -29.43
N ILE A 103 -6.34 -19.12 -28.95
CA ILE A 103 -5.12 -19.30 -29.77
C ILE A 103 -4.53 -20.71 -29.60
N SER A 104 -4.08 -21.30 -30.71
CA SER A 104 -3.52 -22.66 -30.73
C SER A 104 -4.23 -23.64 -29.77
N ASP A 105 -5.55 -23.55 -29.71
CA ASP A 105 -6.34 -24.44 -28.83
C ASP A 105 -6.32 -24.13 -27.32
N LYS A 106 -5.87 -22.94 -26.94
CA LYS A 106 -5.93 -22.54 -25.53
C LYS A 106 -6.84 -21.34 -25.31
N ILE A 107 -7.60 -21.36 -24.22
CA ILE A 107 -8.47 -20.22 -23.89
C ILE A 107 -7.70 -19.13 -23.11
N ILE A 108 -7.72 -17.91 -23.65
CA ILE A 108 -6.98 -16.83 -23.00
C ILE A 108 -7.89 -15.68 -22.58
N GLU A 109 -7.88 -15.33 -21.29
CA GLU A 109 -8.57 -14.13 -20.80
C GLU A 109 -7.62 -13.11 -20.17
N VAL A 110 -7.94 -11.85 -20.38
CA VAL A 110 -7.23 -10.75 -19.76
C VAL A 110 -8.23 -9.86 -19.01
N LYS A 111 -8.06 -9.77 -17.70
CA LYS A 111 -9.00 -9.04 -16.85
C LYS A 111 -8.40 -8.62 -15.51
N LYS A 112 -9.15 -7.83 -14.77
CA LYS A 112 -8.79 -7.40 -13.42
C LYS A 112 -8.42 -8.60 -12.56
N ALA A 113 -7.32 -8.48 -11.81
CA ALA A 113 -6.91 -9.55 -10.89
C ALA A 113 -7.91 -9.75 -9.76
N GLU A 114 -7.98 -10.98 -9.25
CA GLU A 114 -8.95 -11.34 -8.21
C GLU A 114 -8.61 -10.74 -6.83
N ASN A 115 -7.41 -10.16 -6.70
CA ASN A 115 -6.96 -9.56 -5.44
C ASN A 115 -6.84 -8.02 -5.48
N ASN A 116 -6.16 -7.52 -6.50
CA ASN A 116 -5.76 -6.12 -6.56
C ASN A 116 -6.47 -5.34 -7.67
N ASN A 117 -5.88 -4.21 -8.02
CA ASN A 117 -6.25 -3.48 -9.22
C ASN A 117 -5.32 -3.87 -10.38
N ASP A 118 -4.42 -4.82 -10.12
CA ASP A 118 -3.50 -5.34 -11.15
C ASP A 118 -4.31 -5.95 -12.28
N ILE A 119 -3.69 -6.08 -13.46
CA ILE A 119 -4.32 -6.80 -14.57
C ILE A 119 -3.73 -8.20 -14.72
N ALA A 120 -4.60 -9.19 -14.80
CA ALA A 120 -4.17 -10.60 -14.84
C ALA A 120 -4.43 -11.34 -16.17
N VAL A 121 -3.53 -12.24 -16.51
CA VAL A 121 -3.63 -13.06 -17.73
C VAL A 121 -3.96 -14.53 -17.38
N TYR A 122 -5.13 -15.01 -17.81
CA TYR A 122 -5.51 -16.39 -17.51
C TYR A 122 -5.36 -17.29 -18.74
N ILE A 123 -4.80 -18.49 -18.53
CA ILE A 123 -4.68 -19.46 -19.59
C ILE A 123 -5.29 -20.79 -19.12
N ASN A 124 -6.31 -21.25 -19.85
CA ASN A 124 -7.13 -22.39 -19.41
C ASN A 124 -7.47 -22.28 -17.90
N GLY A 125 -8.06 -21.16 -17.50
CA GLY A 125 -8.54 -20.98 -16.14
C GLY A 125 -7.52 -20.70 -15.03
N GLU A 126 -6.23 -20.82 -15.31
CA GLU A 126 -5.21 -20.51 -14.31
C GLU A 126 -4.46 -19.19 -14.58
N PRO A 127 -4.31 -18.34 -13.56
CA PRO A 127 -3.64 -17.05 -13.78
C PRO A 127 -2.12 -17.27 -13.83
N ILE A 128 -1.48 -16.91 -14.93
CA ILE A 128 -0.04 -17.18 -15.09
C ILE A 128 0.87 -15.93 -15.23
N ALA A 129 0.29 -14.76 -15.42
CA ALA A 129 1.07 -13.51 -15.56
C ALA A 129 0.27 -12.27 -15.12
N SER A 130 0.95 -11.15 -14.88
CA SER A 130 0.26 -9.92 -14.51
C SER A 130 0.95 -8.60 -14.91
N PHE A 131 0.13 -7.56 -14.97
CA PHE A 131 0.55 -6.20 -15.32
C PHE A 131 0.27 -5.18 -14.19
N ASN A 132 1.24 -4.31 -13.90
CA ASN A 132 0.94 -3.12 -13.10
C ASN A 132 0.81 -1.92 -14.04
N ILE A 133 -0.32 -1.25 -14.01
CA ILE A 133 -0.56 -0.13 -14.92
C ILE A 133 -0.71 1.25 -14.21
N SER A 134 0.07 2.25 -14.65
CA SER A 134 0.05 3.60 -14.06
C SER A 134 -0.17 4.73 -15.08
N ASP A 135 -0.41 5.95 -14.57
CA ASP A 135 -0.59 7.15 -15.39
C ASP A 135 0.77 7.84 -15.58
N VAL A 136 0.82 8.87 -16.43
CA VAL A 136 2.08 9.58 -16.67
C VAL A 136 2.04 11.03 -16.14
N PRO A 137 2.96 11.36 -15.21
CA PRO A 137 3.00 12.67 -14.57
C PRO A 137 3.54 13.76 -15.51
N ARG A 138 2.91 14.94 -15.47
CA ARG A 138 3.37 16.09 -16.24
C ARG A 138 4.70 16.59 -15.68
N PRO A 139 5.62 17.02 -16.58
CA PRO A 139 6.95 17.44 -16.14
C PRO A 139 6.82 18.59 -15.13
N ASN A 140 7.14 18.29 -13.89
CA ASN A 140 6.69 19.07 -12.73
C ASN A 140 6.99 20.57 -12.73
N LEU A 141 6.15 21.30 -12.00
CA LEU A 141 6.42 22.67 -11.60
C LEU A 141 6.51 22.71 -10.08
N LYS A 142 7.72 22.60 -9.55
CA LYS A 142 7.97 22.78 -8.14
C LYS A 142 7.60 24.21 -7.74
N ASP A 143 7.20 25.01 -8.73
CA ASP A 143 6.64 26.35 -8.49
C ASP A 143 5.29 26.20 -7.81
N TYR A 144 4.92 24.96 -7.53
CA TYR A 144 3.86 24.69 -6.57
C TYR A 144 4.35 25.26 -5.25
N LEU A 145 5.63 25.03 -4.96
CA LEU A 145 6.27 25.60 -3.78
C LEU A 145 6.29 27.13 -3.91
N GLU A 146 6.53 27.62 -5.12
CA GLU A 146 6.52 29.05 -5.38
C GLU A 146 5.15 29.68 -5.06
N LYS A 147 4.13 28.83 -4.95
CA LYS A 147 2.79 29.27 -4.56
C LYS A 147 2.52 28.90 -3.11
N LEU A 148 3.09 27.78 -2.66
CA LEU A 148 3.07 27.44 -1.24
C LEU A 148 3.73 28.56 -0.46
N LYS A 149 4.77 29.16 -1.04
CA LYS A 149 5.36 30.38 -0.51
C LYS A 149 4.33 31.49 -0.60
N ASN A 150 4.07 31.95 -1.82
CA ASN A 150 3.10 33.02 -2.09
C ASN A 150 1.80 32.88 -1.30
N GLU A 151 1.59 33.82 -0.38
CA GLU A 151 0.38 33.84 0.46
C GLU A 151 0.21 32.55 1.25
N GLY A 152 1.21 31.68 1.19
CA GLY A 152 1.13 30.38 1.84
C GLY A 152 -0.24 29.76 1.62
N LEU A 153 -0.74 29.86 0.38
CA LEU A 153 -2.03 29.29 0.02
C LEU A 153 -2.09 27.83 0.40
N LYS A 154 -3.31 27.34 0.63
CA LYS A 154 -3.53 25.95 0.99
C LYS A 154 -3.75 25.10 -0.26
N ILE A 155 -2.95 24.03 -0.38
CA ILE A 155 -2.99 23.16 -1.57
C ILE A 155 -3.53 21.76 -1.24
N ILE A 156 -4.57 21.35 -1.97
CA ILE A 156 -5.16 20.03 -1.75
C ILE A 156 -5.26 19.19 -3.02
N ILE A 157 -5.11 17.89 -2.85
CA ILE A 157 -5.22 16.96 -3.98
C ILE A 157 -6.31 15.91 -3.77
N LEU A 158 -7.22 15.81 -4.75
CA LEU A 158 -8.24 14.78 -4.74
C LEU A 158 -8.02 13.75 -5.86
N SER A 159 -8.14 12.46 -5.54
CA SER A 159 -8.07 11.42 -6.56
C SER A 159 -9.04 10.26 -6.30
N GLY A 160 -9.37 9.52 -7.36
CA GLY A 160 -10.16 8.31 -7.23
C GLY A 160 -9.30 7.05 -7.18
N ASP A 161 -8.05 7.17 -7.64
CA ASP A 161 -7.13 6.04 -7.65
C ASP A 161 -6.84 5.50 -6.26
N LYS A 162 -6.26 4.31 -6.19
CA LYS A 162 -6.02 3.64 -4.92
C LYS A 162 -4.92 4.33 -4.09
N GLU A 163 -4.96 4.09 -2.78
CA GLU A 163 -4.03 4.69 -1.84
C GLU A 163 -2.56 4.61 -2.26
N ASP A 164 -2.16 3.48 -2.85
CA ASP A 164 -0.78 3.29 -3.27
C ASP A 164 -0.38 4.38 -4.26
N LYS A 165 -1.23 4.62 -5.24
CA LYS A 165 -0.90 5.44 -6.40
C LYS A 165 -1.03 6.95 -6.17
N VAL A 166 -2.02 7.35 -5.38
CA VAL A 166 -2.25 8.77 -5.12
C VAL A 166 -1.29 9.35 -4.08
N LYS A 167 -0.73 8.51 -3.23
CA LYS A 167 0.24 8.95 -2.23
C LYS A 167 1.62 9.16 -2.85
N GLU A 168 2.00 8.24 -3.72
CA GLU A 168 3.30 8.29 -4.37
C GLU A 168 3.47 9.60 -5.12
N LEU A 169 2.43 10.01 -5.85
CA LEU A 169 2.45 11.29 -6.53
C LEU A 169 2.52 12.43 -5.52
N SER A 170 1.78 12.30 -4.42
CA SER A 170 1.75 13.35 -3.40
C SER A 170 3.13 13.49 -2.76
N LYS A 171 3.97 12.49 -2.99
CA LYS A 171 5.35 12.51 -2.53
C LYS A 171 6.24 13.04 -3.64
N GLU A 172 5.99 12.61 -4.87
CA GLU A 172 6.79 13.02 -6.04
C GLU A 172 6.95 14.54 -6.11
N LEU A 173 5.83 15.26 -6.01
CA LEU A 173 5.86 16.67 -5.66
C LEU A 173 5.59 16.70 -4.16
N ASN A 174 5.92 17.79 -3.48
CA ASN A 174 5.79 17.75 -2.02
C ASN A 174 4.65 18.57 -1.44
N ILE A 175 3.46 17.98 -1.39
CA ILE A 175 2.37 18.54 -0.61
C ILE A 175 1.71 17.45 0.21
N GLN A 176 1.49 17.76 1.48
CA GLN A 176 1.12 16.75 2.46
C GLN A 176 -0.36 16.75 2.81
N GLU A 177 -1.21 16.89 1.79
CA GLU A 177 -2.65 16.82 2.03
C GLU A 177 -3.44 16.34 0.82
N TYR A 178 -3.60 15.02 0.73
CA TYR A 178 -4.38 14.44 -0.37
C TYR A 178 -5.47 13.52 0.15
N TYR A 179 -6.53 13.37 -0.64
CA TYR A 179 -7.62 12.47 -0.31
C TYR A 179 -7.82 11.50 -1.46
N SER A 180 -7.52 10.23 -1.23
CA SER A 180 -7.61 9.21 -2.26
C SER A 180 -8.82 8.32 -2.06
N ASN A 181 -9.04 7.39 -2.98
CA ASN A 181 -10.18 6.52 -2.90
C ASN A 181 -11.45 7.34 -2.77
N LEU A 182 -11.69 8.22 -3.74
CA LEU A 182 -12.85 9.10 -3.70
C LEU A 182 -13.84 8.81 -4.81
N SER A 183 -15.06 9.30 -4.65
CA SER A 183 -16.08 9.25 -5.68
C SER A 183 -16.50 10.67 -6.05
N PRO A 184 -17.04 10.82 -7.27
CA PRO A 184 -17.50 12.10 -7.84
C PRO A 184 -18.38 12.91 -6.87
N GLU A 185 -19.21 12.22 -6.09
CA GLU A 185 -20.06 12.87 -5.10
C GLU A 185 -19.38 13.05 -3.74
N ASP A 186 -18.27 12.35 -3.52
CA ASP A 186 -17.46 12.55 -2.31
C ASP A 186 -16.68 13.86 -2.45
N LYS A 187 -16.26 14.12 -3.69
CA LYS A 187 -15.55 15.34 -4.01
C LYS A 187 -16.47 16.53 -3.77
N VAL A 188 -17.68 16.46 -4.34
CA VAL A 188 -18.66 17.53 -4.12
C VAL A 188 -18.87 17.76 -2.62
N ARG A 189 -18.78 16.70 -1.82
CA ARG A 189 -19.04 16.84 -0.39
C ARG A 189 -17.94 17.64 0.30
N ILE A 190 -16.70 17.36 -0.06
CA ILE A 190 -15.57 18.03 0.59
C ILE A 190 -15.52 19.52 0.23
N ILE A 191 -15.77 19.81 -1.05
CA ILE A 191 -15.88 21.19 -1.55
C ILE A 191 -16.96 22.00 -0.82
N GLU A 192 -18.17 21.45 -0.72
CA GLU A 192 -19.19 22.01 0.16
C GLU A 192 -18.64 22.27 1.57
N LYS A 193 -18.04 21.26 2.19
CA LYS A 193 -17.66 21.32 3.59
C LYS A 193 -16.60 22.37 3.87
N LEU A 194 -16.05 22.94 2.81
CA LEU A 194 -15.02 23.96 2.94
C LEU A 194 -15.56 25.35 2.63
N LYS A 195 -16.41 25.44 1.60
CA LYS A 195 -17.09 26.69 1.29
C LYS A 195 -18.00 26.99 2.49
N GLN A 196 -18.46 25.92 3.14
CA GLN A 196 -19.27 26.02 4.37
C GLN A 196 -18.39 26.34 5.58
N ASN A 197 -17.10 26.54 5.31
CA ASN A 197 -16.18 27.07 6.29
C ASN A 197 -15.59 28.39 5.81
N GLY A 198 -16.25 28.99 4.82
CA GLY A 198 -15.90 30.32 4.34
C GLY A 198 -14.66 30.43 3.47
N ASN A 199 -14.02 29.30 3.18
CA ASN A 199 -12.84 29.31 2.31
C ASN A 199 -13.17 29.60 0.85
N LYS A 200 -12.33 30.40 0.20
CA LYS A 200 -12.51 30.72 -1.21
C LYS A 200 -11.64 29.81 -2.08
N VAL A 201 -12.29 28.92 -2.82
CA VAL A 201 -11.62 27.81 -3.48
C VAL A 201 -11.42 28.02 -4.97
N LEU A 202 -10.20 27.82 -5.44
CA LEU A 202 -9.99 27.60 -6.87
C LEU A 202 -9.77 26.11 -7.09
N MET A 203 -10.41 25.56 -8.11
CA MET A 203 -10.24 24.16 -8.43
C MET A 203 -9.94 23.92 -9.90
N ILE A 204 -9.05 22.96 -10.14
CA ILE A 204 -8.62 22.59 -11.49
C ILE A 204 -9.05 21.13 -11.77
N GLY A 205 -9.67 20.90 -12.94
CA GLY A 205 -10.19 19.59 -13.32
C GLY A 205 -10.06 19.24 -14.79
N ASP A 206 -10.57 18.07 -15.21
CA ASP A 206 -10.39 17.60 -16.59
C ASP A 206 -11.54 16.76 -17.20
N GLY A 207 -11.67 15.51 -16.76
CA GLY A 207 -12.59 14.58 -17.38
C GLY A 207 -13.97 14.46 -16.75
N VAL A 208 -14.43 13.21 -16.65
CA VAL A 208 -15.79 12.91 -16.24
C VAL A 208 -16.13 13.33 -14.79
N ASN A 209 -15.28 12.93 -13.85
CA ASN A 209 -15.57 13.08 -12.42
C ASN A 209 -15.67 14.51 -11.92
N ASP A 210 -14.69 15.31 -12.32
CA ASP A 210 -14.57 16.67 -11.80
C ASP A 210 -15.61 17.62 -12.42
N ALA A 211 -16.18 17.24 -13.57
CA ALA A 211 -17.23 18.04 -14.20
C ALA A 211 -18.20 18.68 -13.17
N ALA A 212 -18.53 17.93 -12.13
CA ALA A 212 -19.56 18.32 -11.18
C ALA A 212 -19.06 19.26 -10.09
N ALA A 213 -17.89 18.97 -9.54
CA ALA A 213 -17.33 19.82 -8.48
C ALA A 213 -16.77 21.14 -9.02
N LEU A 214 -16.36 21.14 -10.29
CA LEU A 214 -15.92 22.36 -10.99
C LEU A 214 -17.06 23.36 -11.01
N ALA A 215 -18.24 22.85 -11.38
CA ALA A 215 -19.46 23.65 -11.41
C ALA A 215 -19.76 24.24 -10.03
N LEU A 216 -19.12 23.69 -9.00
CA LEU A 216 -19.36 24.06 -7.61
C LEU A 216 -18.34 25.07 -7.09
N ALA A 217 -17.31 25.34 -7.88
CA ALA A 217 -16.17 26.16 -7.42
C ALA A 217 -16.36 27.67 -7.57
N ASP A 218 -15.71 28.43 -6.68
CA ASP A 218 -15.66 29.89 -6.78
C ASP A 218 -15.00 30.31 -8.10
N VAL A 219 -13.82 29.75 -8.38
CA VAL A 219 -13.27 29.84 -9.72
C VAL A 219 -12.84 28.46 -10.22
N SER A 220 -13.32 28.06 -11.40
CA SER A 220 -13.08 26.72 -11.91
C SER A 220 -12.30 26.77 -13.21
N VAL A 221 -11.43 25.79 -13.42
CA VAL A 221 -10.54 25.76 -14.59
C VAL A 221 -10.52 24.36 -15.23
N ALA A 222 -10.89 24.27 -16.52
CA ALA A 222 -10.86 23.02 -17.28
C ALA A 222 -9.73 22.94 -18.33
N MET A 223 -9.01 21.81 -18.38
CA MET A 223 -7.95 21.57 -19.38
C MET A 223 -8.40 21.59 -20.86
N GLY A 224 -7.42 21.68 -21.76
CA GLY A 224 -7.66 21.74 -23.20
C GLY A 224 -8.19 20.45 -23.81
N ASN A 225 -7.81 19.32 -23.22
CA ASN A 225 -8.37 18.03 -23.59
C ASN A 225 -9.55 17.63 -22.70
N LYS A 231 -16.31 21.77 -18.70
CA LYS A 231 -17.10 21.73 -19.93
C LYS A 231 -17.56 23.12 -20.35
N ASN A 232 -18.85 23.41 -20.14
CA ASN A 232 -19.39 24.75 -20.32
C ASN A 232 -19.56 25.39 -18.95
N VAL A 233 -19.04 24.68 -17.94
CA VAL A 233 -19.14 25.10 -16.56
C VAL A 233 -17.91 25.90 -16.09
N ALA A 234 -16.77 25.63 -16.74
CA ALA A 234 -15.50 26.23 -16.32
C ALA A 234 -15.38 27.71 -16.64
N ASP A 235 -14.94 28.50 -15.67
CA ASP A 235 -14.71 29.92 -15.89
C ASP A 235 -13.56 30.12 -16.89
N ILE A 236 -12.61 29.19 -16.87
CA ILE A 236 -11.41 29.29 -17.69
C ILE A 236 -11.12 27.98 -18.42
N ILE A 237 -10.47 28.08 -19.57
CA ILE A 237 -9.97 26.90 -20.25
C ILE A 237 -8.50 27.02 -20.61
N LEU A 238 -7.70 26.11 -20.08
CA LEU A 238 -6.28 26.04 -20.39
C LEU A 238 -6.08 25.29 -21.71
N VAL A 239 -6.35 25.95 -22.83
CA VAL A 239 -6.16 25.29 -24.12
C VAL A 239 -4.72 24.81 -24.31
N SER A 240 -3.80 25.48 -23.65
CA SER A 240 -2.38 25.15 -23.77
C SER A 240 -1.96 23.97 -22.90
N ASN A 241 -2.85 23.53 -22.00
CA ASN A 241 -2.52 22.44 -21.09
C ASN A 241 -1.24 22.70 -20.32
N ASP A 242 -0.90 23.97 -20.15
CA ASP A 242 0.30 24.33 -19.40
C ASP A 242 -0.10 24.82 -18.01
N ILE A 243 -0.02 23.92 -17.04
CA ILE A 243 -0.32 24.27 -15.66
C ILE A 243 0.56 25.42 -15.17
N GLY A 244 1.83 25.42 -15.57
CA GLY A 244 2.73 26.50 -15.22
C GLY A 244 2.15 27.88 -15.56
N THR A 245 1.62 28.01 -16.77
CA THR A 245 1.07 29.28 -17.24
C THR A 245 0.01 29.80 -16.29
N LEU A 246 -0.74 28.88 -15.68
CA LEU A 246 -1.79 29.22 -14.74
C LEU A 246 -1.20 29.66 -13.42
N LEU A 247 -0.24 28.88 -12.93
CA LEU A 247 0.52 29.22 -11.74
C LEU A 247 1.08 30.65 -11.82
N GLY A 248 1.37 31.10 -13.03
CA GLY A 248 1.78 32.48 -13.24
C GLY A 248 0.62 33.40 -12.95
N LEU A 249 -0.54 33.06 -13.48
CA LEU A 249 -1.73 33.87 -13.26
C LEU A 249 -2.04 34.01 -11.78
N ILE A 250 -1.95 32.90 -11.05
CA ILE A 250 -2.22 32.91 -9.62
C ILE A 250 -1.26 33.82 -8.85
N LYS A 251 0.05 33.62 -9.03
CA LYS A 251 1.03 34.35 -8.24
C LYS A 251 1.29 35.76 -8.76
N ASN A 252 0.35 36.29 -9.55
CA ASN A 252 0.39 37.66 -10.02
C ASN A 252 -1.01 38.27 -9.98
N ARG A 253 -1.77 37.91 -8.95
CA ARG A 253 -3.20 38.21 -8.89
C ARG A 253 -3.52 39.50 -8.15
N ALA B 2 2.52 -20.40 51.55
CA ALA B 2 1.56 -20.49 50.45
C ALA B 2 2.28 -20.57 49.11
N LEU B 3 1.53 -20.35 48.02
CA LEU B 3 2.11 -20.30 46.68
C LEU B 3 2.89 -18.99 46.49
N SER B 4 4.06 -19.08 45.89
CA SER B 4 4.78 -17.90 45.53
C SER B 4 4.06 -17.29 44.34
N LEU B 5 4.49 -16.11 43.91
CA LEU B 5 3.86 -15.40 42.81
C LEU B 5 4.24 -16.08 41.50
N TYR B 6 5.49 -16.50 41.41
CA TYR B 6 5.99 -17.30 40.30
C TYR B 6 5.05 -18.47 39.95
N GLU B 7 4.60 -19.20 40.98
CA GLU B 7 3.69 -20.33 40.81
C GLU B 7 2.31 -19.93 40.28
N LYS B 8 1.74 -18.85 40.80
CA LYS B 8 0.39 -18.43 40.37
C LYS B 8 0.37 -17.93 38.94
N MET B 9 1.49 -17.34 38.51
CA MET B 9 1.58 -16.89 37.13
C MET B 9 1.73 -18.09 36.16
N LEU B 10 2.58 -19.05 36.50
CA LEU B 10 2.71 -20.27 35.73
C LEU B 10 1.32 -20.89 35.50
N HIS B 11 0.52 -20.91 36.55
CA HIS B 11 -0.83 -21.47 36.51
C HIS B 11 -1.64 -20.76 35.44
N LYS B 12 -1.36 -19.47 35.25
CA LYS B 12 -2.04 -18.66 34.24
C LYS B 12 -1.36 -18.67 32.87
N GLY B 13 -0.35 -19.52 32.66
CA GLY B 13 0.36 -19.59 31.38
C GLY B 13 1.45 -18.54 31.13
N MET B 14 2.00 -17.99 32.21
CA MET B 14 3.01 -16.95 32.11
C MET B 14 4.27 -17.28 32.94
N ILE B 15 5.43 -17.18 32.34
CA ILE B 15 6.69 -17.48 33.00
C ILE B 15 7.38 -16.17 33.35
N ILE B 16 7.54 -15.92 34.65
CA ILE B 16 8.07 -14.66 35.20
C ILE B 16 9.57 -14.71 35.46
N LYS B 17 10.34 -13.77 34.93
CA LYS B 17 11.80 -13.81 35.16
C LYS B 17 12.19 -13.53 36.62
N ASN B 18 11.57 -12.55 37.26
CA ASN B 18 11.75 -12.32 38.69
C ASN B 18 10.78 -11.28 39.24
N SER B 19 10.60 -11.25 40.55
CA SER B 19 9.50 -10.47 41.13
C SER B 19 9.60 -8.96 40.86
N ASN B 20 10.79 -8.52 40.47
CA ASN B 20 10.99 -7.15 39.98
C ASN B 20 9.93 -6.67 38.97
N VAL B 21 9.51 -7.54 38.05
CA VAL B 21 8.56 -7.18 37.00
C VAL B 21 7.20 -6.80 37.57
N TYR B 22 6.82 -7.44 38.66
CA TYR B 22 5.48 -7.27 39.16
C TYR B 22 5.27 -5.87 39.73
N GLU B 23 6.35 -5.26 40.23
CA GLU B 23 6.26 -3.88 40.67
C GLU B 23 6.32 -2.94 39.46
N LYS B 24 7.19 -3.25 38.50
CA LYS B 24 7.44 -2.38 37.36
C LYS B 24 6.21 -2.14 36.46
N ILE B 25 5.31 -3.11 36.41
CA ILE B 25 4.11 -3.00 35.57
C ILE B 25 3.24 -1.82 36.06
N LYS B 26 3.12 -1.69 37.38
CA LYS B 26 2.35 -0.58 37.96
C LYS B 26 2.68 0.81 37.37
N GLU B 27 3.95 1.05 37.03
CA GLU B 27 4.38 2.38 36.62
C GLU B 27 4.35 2.69 35.11
N ILE B 28 4.07 1.69 34.26
CA ILE B 28 4.20 1.94 32.81
C ILE B 28 3.09 2.87 32.31
N ASP B 29 3.39 3.68 31.30
CA ASP B 29 2.35 4.52 30.70
C ASP B 29 2.09 4.28 29.20
N THR B 30 2.88 3.39 28.59
CA THR B 30 2.85 3.17 27.13
C THR B 30 2.99 1.69 26.70
N ILE B 31 2.07 1.23 25.85
CA ILE B 31 2.05 -0.16 25.36
C ILE B 31 2.37 -0.25 23.85
N ILE B 32 3.39 -1.03 23.49
CA ILE B 32 3.75 -1.19 22.09
C ILE B 32 3.55 -2.64 21.64
N PHE B 33 2.86 -2.81 20.50
CA PHE B 33 2.75 -4.13 19.86
C PHE B 33 3.61 -4.26 18.61
N ASN B 34 4.49 -5.25 18.57
CA ASN B 34 5.03 -5.73 17.29
C ASN B 34 3.95 -6.63 16.67
N LYS B 35 3.24 -6.13 15.64
CA LYS B 35 2.01 -6.75 15.09
C LYS B 35 1.96 -8.28 14.90
N THR B 36 2.92 -8.81 14.14
CA THR B 36 2.85 -10.18 13.67
C THR B 36 3.10 -11.18 14.80
N GLY B 37 2.12 -12.04 15.07
CA GLY B 37 2.18 -12.96 16.20
C GLY B 37 1.56 -12.46 17.52
N THR B 38 1.28 -11.16 17.62
CA THR B 38 0.69 -10.60 18.84
C THR B 38 -0.76 -10.15 18.60
N LEU B 39 -0.96 -9.08 17.84
CA LEU B 39 -2.28 -8.75 17.33
C LEU B 39 -2.82 -9.80 16.34
N THR B 40 -1.94 -10.69 15.83
CA THR B 40 -2.37 -11.81 14.96
C THR B 40 -1.83 -13.12 15.50
N TYR B 41 -2.22 -14.23 14.86
CA TYR B 41 -1.73 -15.56 15.24
C TYR B 41 -0.35 -15.85 14.70
N GLY B 42 0.13 -15.01 13.77
CA GLY B 42 1.35 -15.31 13.05
C GLY B 42 1.28 -16.64 12.29
N THR B 43 0.11 -16.96 11.74
CA THR B 43 -0.02 -18.10 10.85
C THR B 43 -0.51 -17.66 9.47
N PRO B 44 0.36 -16.99 8.71
CA PRO B 44 -0.04 -16.49 7.39
C PRO B 44 -0.53 -17.63 6.47
N ILE B 45 -1.46 -17.31 5.57
CA ILE B 45 -1.84 -18.20 4.47
C ILE B 45 -1.80 -17.51 3.10
N VAL B 46 -1.57 -18.31 2.06
CA VAL B 46 -1.53 -17.81 0.69
C VAL B 46 -2.94 -17.58 0.14
N THR B 47 -3.24 -16.34 -0.23
CA THR B 47 -4.54 -16.03 -0.82
C THR B 47 -4.50 -16.07 -2.35
N GLN B 48 -3.30 -16.12 -2.92
CA GLN B 48 -3.18 -16.09 -4.39
C GLN B 48 -1.74 -16.30 -4.87
N PHE B 49 -1.59 -17.23 -5.80
CA PHE B 49 -0.36 -17.43 -6.55
C PHE B 49 -0.62 -17.08 -8.01
N ILE B 50 0.32 -16.35 -8.62
CA ILE B 50 0.28 -16.01 -10.05
C ILE B 50 1.60 -16.42 -10.74
N GLY B 51 1.53 -17.39 -11.67
CA GLY B 51 2.71 -18.00 -12.27
C GLY B 51 2.48 -19.46 -12.67
N ASP B 52 3.48 -20.14 -13.23
CA ASP B 52 3.23 -21.54 -13.64
C ASP B 52 3.82 -22.65 -12.74
N SER B 53 3.46 -23.89 -13.03
CA SER B 53 3.88 -25.06 -12.23
C SER B 53 5.38 -25.07 -11.88
N LEU B 54 6.22 -24.86 -12.88
CA LEU B 54 7.66 -24.90 -12.67
C LEU B 54 8.07 -23.84 -11.63
N SER B 55 7.63 -22.62 -11.87
CA SER B 55 7.95 -21.51 -10.98
C SER B 55 7.58 -21.75 -9.54
N LEU B 56 6.44 -22.39 -9.32
CA LEU B 56 5.98 -22.66 -7.97
C LEU B 56 6.91 -23.64 -7.25
N ALA B 57 7.42 -24.64 -7.97
CA ALA B 57 8.33 -25.60 -7.36
C ALA B 57 9.61 -24.93 -6.89
N TYR B 58 10.20 -24.12 -7.76
CA TYR B 58 11.44 -23.40 -7.43
C TYR B 58 11.31 -22.59 -6.15
N ALA B 59 10.25 -21.79 -6.07
CA ALA B 59 9.99 -20.98 -4.87
C ALA B 59 9.83 -21.83 -3.60
N ALA B 60 9.18 -23.00 -3.72
CA ALA B 60 8.95 -23.90 -2.58
C ALA B 60 10.21 -24.62 -2.08
N SER B 61 11.05 -25.07 -3.01
CA SER B 61 12.29 -25.74 -2.61
C SER B 61 13.17 -24.84 -1.74
N VAL B 62 13.33 -23.59 -2.16
CA VAL B 62 14.16 -22.63 -1.40
C VAL B 62 13.54 -22.28 -0.04
N GLU B 63 12.23 -22.02 0.00
CA GLU B 63 11.56 -21.63 1.24
C GLU B 63 11.53 -22.76 2.27
N ALA B 64 11.73 -23.99 1.78
CA ALA B 64 11.77 -25.19 2.60
C ALA B 64 12.95 -25.19 3.59
N LEU B 65 13.92 -24.30 3.39
CA LEU B 65 15.08 -24.23 4.28
C LEU B 65 14.94 -23.11 5.32
N SER B 66 13.82 -22.40 5.27
CA SER B 66 13.59 -21.30 6.17
C SER B 66 12.54 -21.67 7.21
N SER B 67 12.52 -20.96 8.31
CA SER B 67 11.60 -21.24 9.40
C SER B 67 10.68 -20.06 9.65
N HIS B 68 10.86 -19.01 8.87
CA HIS B 68 9.97 -17.85 8.87
C HIS B 68 8.55 -18.37 8.60
N PRO B 69 7.55 -17.78 9.26
CA PRO B 69 6.13 -18.06 8.99
C PRO B 69 5.67 -17.77 7.54
N ILE B 70 6.37 -16.92 6.80
CA ILE B 70 6.01 -16.70 5.40
C ILE B 70 6.49 -17.91 4.60
N ALA B 71 7.71 -18.35 4.92
CA ALA B 71 8.29 -19.57 4.33
C ALA B 71 7.36 -20.78 4.45
N LYS B 72 6.83 -21.00 5.65
CA LYS B 72 6.03 -22.21 5.92
C LYS B 72 4.65 -22.16 5.24
N ALA B 73 4.07 -20.98 5.10
CA ALA B 73 2.81 -20.88 4.40
C ALA B 73 3.00 -21.26 2.91
N ILE B 74 4.10 -20.81 2.31
CA ILE B 74 4.39 -21.08 0.90
C ILE B 74 4.62 -22.56 0.64
N VAL B 75 5.46 -23.19 1.48
CA VAL B 75 5.72 -24.64 1.35
C VAL B 75 4.43 -25.49 1.42
N LYS B 76 3.55 -25.14 2.35
CA LYS B 76 2.33 -25.92 2.60
C LYS B 76 1.32 -25.76 1.47
N TYR B 77 1.20 -24.53 0.97
CA TYR B 77 0.40 -24.28 -0.21
C TYR B 77 0.87 -25.14 -1.39
N ALA B 78 2.18 -25.15 -1.64
CA ALA B 78 2.70 -25.80 -2.82
C ALA B 78 2.46 -27.30 -2.82
N LYS B 79 2.63 -27.93 -1.66
CA LYS B 79 2.40 -29.38 -1.59
C LYS B 79 0.93 -29.69 -1.87
N GLU B 80 0.04 -28.85 -1.39
CA GLU B 80 -1.37 -28.97 -1.71
C GLU B 80 -1.63 -28.92 -3.23
N GLN B 81 -0.77 -28.23 -3.97
CA GLN B 81 -0.86 -28.16 -5.43
C GLN B 81 -0.02 -29.24 -6.14
N GLY B 82 0.42 -30.24 -5.39
CA GLY B 82 1.12 -31.38 -5.95
C GLY B 82 2.58 -31.25 -6.37
N VAL B 83 3.27 -30.21 -5.91
CA VAL B 83 4.71 -30.11 -6.21
C VAL B 83 5.55 -31.08 -5.40
N LYS B 84 6.62 -31.58 -6.03
CA LYS B 84 7.65 -32.31 -5.30
C LYS B 84 8.94 -31.45 -5.23
N ILE B 85 9.52 -31.38 -4.03
CA ILE B 85 10.66 -30.51 -3.77
C ILE B 85 11.92 -30.95 -4.53
N LEU B 86 12.80 -30.00 -4.82
CA LEU B 86 14.09 -30.34 -5.46
C LEU B 86 15.24 -29.86 -4.58
N GLU B 87 16.42 -30.45 -4.77
CA GLU B 87 17.60 -30.03 -4.03
C GLU B 87 17.97 -28.58 -4.38
N VAL B 88 18.22 -27.79 -3.34
CA VAL B 88 18.68 -26.41 -3.48
C VAL B 88 20.12 -26.31 -3.00
N LYS B 89 20.88 -25.39 -3.58
CA LYS B 89 22.24 -25.13 -3.11
C LYS B 89 22.44 -23.65 -2.77
N ASP B 90 23.42 -23.38 -1.94
CA ASP B 90 23.81 -21.99 -1.66
C ASP B 90 22.76 -21.18 -0.91
N PHE B 91 21.84 -21.86 -0.25
CA PHE B 91 20.81 -21.16 0.49
C PHE B 91 21.35 -19.97 1.27
N LYS B 92 20.55 -18.93 1.37
CA LYS B 92 20.91 -17.75 2.11
C LYS B 92 19.64 -17.03 2.49
N GLU B 93 19.49 -16.67 3.76
CA GLU B 93 18.33 -15.89 4.17
C GLU B 93 18.77 -14.44 4.32
N ILE B 94 17.82 -13.55 4.51
CA ILE B 94 18.15 -12.14 4.62
C ILE B 94 16.99 -11.36 5.22
N SER B 95 17.01 -11.24 6.54
CA SER B 95 15.96 -10.56 7.31
C SER B 95 15.49 -9.24 6.70
N GLY B 96 14.17 -9.05 6.72
CA GLY B 96 13.56 -7.85 6.17
C GLY B 96 13.35 -7.88 4.66
N ILE B 97 13.92 -8.90 4.00
CA ILE B 97 13.78 -9.01 2.55
C ILE B 97 13.25 -10.38 2.10
N GLY B 98 14.09 -11.42 2.12
CA GLY B 98 13.66 -12.72 1.67
C GLY B 98 14.70 -13.82 1.74
N VAL B 99 14.73 -14.64 0.70
CA VAL B 99 15.51 -15.87 0.71
C VAL B 99 16.03 -16.13 -0.70
N ARG B 100 16.93 -17.09 -0.84
CA ARG B 100 17.59 -17.26 -2.13
C ARG B 100 18.55 -18.43 -2.16
N GLY B 101 18.59 -19.09 -3.31
CA GLY B 101 19.41 -20.27 -3.51
C GLY B 101 19.54 -20.61 -4.99
N LYS B 102 20.27 -21.67 -5.29
CA LYS B 102 20.51 -22.09 -6.66
C LYS B 102 19.89 -23.45 -6.92
N ILE B 103 19.23 -23.56 -8.07
CA ILE B 103 18.65 -24.83 -8.50
C ILE B 103 19.03 -25.09 -9.96
N SER B 104 19.69 -26.21 -10.21
CA SER B 104 20.02 -26.62 -11.57
C SER B 104 20.86 -25.57 -12.31
N ASP B 105 21.62 -24.78 -11.55
CA ASP B 105 22.47 -23.73 -12.11
C ASP B 105 21.87 -22.32 -12.16
N LYS B 106 20.55 -22.21 -12.01
CA LYS B 106 19.86 -20.92 -12.08
C LYS B 106 19.68 -20.27 -10.70
N ILE B 107 19.62 -18.95 -10.68
CA ILE B 107 19.46 -18.24 -9.41
C ILE B 107 18.01 -17.81 -9.11
N ILE B 108 17.43 -18.49 -8.13
CA ILE B 108 16.10 -18.24 -7.58
C ILE B 108 16.10 -17.28 -6.38
N GLU B 109 15.24 -16.27 -6.41
CA GLU B 109 15.00 -15.44 -5.22
C GLU B 109 13.50 -15.33 -4.93
N VAL B 110 13.15 -15.23 -3.64
CA VAL B 110 11.77 -15.02 -3.23
C VAL B 110 11.82 -13.96 -2.15
N LYS B 111 11.16 -12.83 -2.35
CA LYS B 111 11.41 -11.68 -1.51
C LYS B 111 10.35 -10.61 -1.62
N LYS B 112 10.41 -9.66 -0.70
CA LYS B 112 9.49 -8.55 -0.64
C LYS B 112 9.22 -8.01 -2.05
N ALA B 113 7.95 -7.77 -2.35
CA ALA B 113 7.54 -7.37 -3.70
C ALA B 113 7.06 -5.93 -3.74
N GLU B 114 7.01 -5.36 -4.94
CA GLU B 114 6.64 -3.97 -5.12
C GLU B 114 5.15 -3.79 -5.29
N ASN B 115 4.68 -2.58 -5.03
CA ASN B 115 3.32 -2.19 -5.40
C ASN B 115 2.24 -3.09 -4.79
N ASN B 116 1.31 -3.54 -5.63
CA ASN B 116 0.11 -4.22 -5.18
C ASN B 116 0.27 -5.72 -4.90
N ASN B 117 1.48 -6.26 -5.06
CA ASN B 117 1.76 -7.62 -4.60
C ASN B 117 2.45 -7.64 -3.25
N ASP B 118 2.51 -8.80 -2.62
CA ASP B 118 3.26 -8.97 -1.39
C ASP B 118 4.62 -9.63 -1.62
N ILE B 119 4.67 -10.63 -2.50
CA ILE B 119 5.88 -11.41 -2.72
C ILE B 119 6.18 -11.63 -4.21
N ALA B 120 7.46 -11.49 -4.57
CA ALA B 120 7.91 -11.68 -5.95
C ALA B 120 8.91 -12.84 -6.08
N VAL B 121 8.88 -13.52 -7.24
CA VAL B 121 9.79 -14.61 -7.56
C VAL B 121 10.70 -14.22 -8.76
N TYR B 122 12.01 -14.39 -8.61
CA TYR B 122 12.99 -14.04 -9.64
C TYR B 122 13.77 -15.24 -10.09
N ILE B 123 13.92 -15.37 -11.40
CA ILE B 123 14.75 -16.43 -12.00
C ILE B 123 15.85 -15.82 -12.86
N ASN B 124 17.10 -16.01 -12.44
CA ASN B 124 18.23 -15.33 -13.07
C ASN B 124 17.97 -13.83 -13.21
N GLY B 125 17.39 -13.22 -12.17
CA GLY B 125 17.16 -11.79 -12.13
C GLY B 125 15.96 -11.29 -12.93
N GLU B 126 15.12 -12.21 -13.39
CA GLU B 126 13.90 -11.85 -14.11
C GLU B 126 12.71 -12.19 -13.22
N PRO B 127 11.76 -11.27 -13.10
CA PRO B 127 10.55 -11.51 -12.28
C PRO B 127 9.53 -12.33 -13.05
N ILE B 128 9.15 -13.51 -12.54
CA ILE B 128 8.30 -14.42 -13.31
C ILE B 128 7.09 -15.01 -12.58
N ALA B 129 6.89 -14.68 -11.31
CA ALA B 129 5.72 -15.15 -10.55
C ALA B 129 5.51 -14.36 -9.26
N SER B 130 4.33 -14.48 -8.64
CA SER B 130 4.08 -13.74 -7.39
C SER B 130 3.01 -14.30 -6.42
N PHE B 131 3.06 -13.84 -5.17
CA PHE B 131 2.16 -14.28 -4.08
C PHE B 131 1.44 -13.12 -3.37
N ASN B 132 0.16 -13.29 -3.09
CA ASN B 132 -0.52 -12.47 -2.09
C ASN B 132 -0.83 -13.27 -0.80
N ILE B 133 -0.66 -12.64 0.37
CA ILE B 133 -0.87 -13.34 1.64
C ILE B 133 -1.66 -12.56 2.70
N SER B 134 -2.42 -13.28 3.50
CA SER B 134 -3.17 -12.68 4.59
C SER B 134 -2.89 -13.39 5.92
N ASP B 135 -2.73 -12.61 6.98
CA ASP B 135 -2.50 -13.15 8.33
C ASP B 135 -3.64 -12.75 9.28
N VAL B 136 -4.41 -13.75 9.68
CA VAL B 136 -5.56 -13.63 10.58
C VAL B 136 -5.29 -12.93 11.93
N PRO B 137 -6.13 -11.94 12.27
CA PRO B 137 -6.11 -11.14 13.51
C PRO B 137 -6.94 -11.71 14.66
N ARG B 138 -6.36 -11.79 15.86
CA ARG B 138 -7.03 -12.35 17.04
C ARG B 138 -8.39 -11.68 17.36
N PRO B 139 -9.32 -12.44 17.94
CA PRO B 139 -10.64 -11.90 18.29
C PRO B 139 -10.63 -11.16 19.64
N ASN B 140 -11.31 -10.00 19.72
CA ASN B 140 -11.38 -9.09 20.89
C ASN B 140 -10.51 -7.78 20.87
N LEU B 141 -11.18 -6.61 20.98
CA LEU B 141 -10.58 -5.25 20.94
C LEU B 141 -11.26 -4.35 21.98
N LYS B 142 -12.23 -4.93 22.67
CA LYS B 142 -12.76 -4.32 23.86
C LYS B 142 -11.60 -4.19 24.86
N ASP B 143 -10.64 -5.10 24.80
CA ASP B 143 -9.52 -5.08 25.74
C ASP B 143 -8.76 -3.75 25.63
N TYR B 144 -8.56 -3.32 24.40
CA TYR B 144 -7.90 -2.09 24.05
C TYR B 144 -8.53 -0.78 24.57
N LEU B 145 -9.84 -0.68 24.41
CA LEU B 145 -10.63 0.42 24.94
C LEU B 145 -10.47 0.46 26.47
N GLU B 146 -10.60 -0.69 27.13
CA GLU B 146 -10.41 -0.76 28.57
C GLU B 146 -9.08 -0.14 29.03
N LYS B 147 -8.00 -0.46 28.32
CA LYS B 147 -6.68 0.06 28.67
C LYS B 147 -6.52 1.55 28.37
N LEU B 148 -6.97 1.95 27.19
CA LEU B 148 -7.02 3.33 26.77
C LEU B 148 -7.77 4.21 27.80
N LYS B 149 -8.93 3.73 28.25
CA LYS B 149 -9.74 4.49 29.18
C LYS B 149 -9.12 4.46 30.57
N ASN B 150 -9.04 3.25 31.12
CA ASN B 150 -8.43 3.04 32.41
C ASN B 150 -7.09 3.74 32.34
N GLU B 151 -6.60 4.21 33.47
CA GLU B 151 -5.41 5.05 33.59
C GLU B 151 -4.80 5.50 32.28
N GLY B 152 -5.64 5.82 31.31
CA GLY B 152 -5.15 6.23 30.01
C GLY B 152 -3.75 5.72 29.72
N LEU B 153 -3.67 4.55 29.12
CA LEU B 153 -2.44 4.06 28.51
C LEU B 153 -2.34 4.51 27.03
N LYS B 154 -1.15 4.80 26.56
CA LYS B 154 -0.93 5.10 25.16
C LYS B 154 -0.56 3.81 24.38
N ILE B 155 -1.30 3.54 23.31
CA ILE B 155 -1.16 2.29 22.53
C ILE B 155 -0.52 2.58 21.17
N ILE B 156 0.55 1.85 20.83
CA ILE B 156 1.21 2.03 19.53
C ILE B 156 1.47 0.70 18.80
N ILE B 157 1.30 0.71 17.47
CA ILE B 157 1.51 -0.48 16.64
C ILE B 157 2.65 -0.30 15.64
N LEU B 158 3.60 -1.23 15.62
CA LEU B 158 4.74 -1.23 14.71
C LEU B 158 4.74 -2.49 13.84
N SER B 159 5.23 -2.39 12.62
CA SER B 159 5.33 -3.58 11.74
C SER B 159 6.21 -3.42 10.50
N GLY B 160 6.55 -4.56 9.88
CA GLY B 160 7.34 -4.62 8.66
C GLY B 160 6.51 -4.79 7.39
N ASP B 161 5.19 -4.85 7.55
CA ASP B 161 4.25 -4.95 6.43
C ASP B 161 3.96 -3.62 5.72
N LYS B 162 3.32 -3.72 4.56
CA LYS B 162 2.97 -2.54 3.77
C LYS B 162 1.98 -1.65 4.49
N GLU B 163 2.08 -0.35 4.26
CA GLU B 163 1.20 0.62 4.93
C GLU B 163 -0.29 0.26 4.81
N ASP B 164 -0.71 -0.18 3.63
CA ASP B 164 -2.13 -0.52 3.42
C ASP B 164 -2.62 -1.58 4.42
N LYS B 165 -1.74 -2.51 4.78
CA LYS B 165 -2.11 -3.58 5.71
C LYS B 165 -2.15 -3.10 7.17
N VAL B 166 -1.07 -2.49 7.63
CA VAL B 166 -1.02 -1.95 8.98
C VAL B 166 -2.20 -0.99 9.21
N LYS B 167 -2.38 -0.06 8.27
CA LYS B 167 -3.44 0.94 8.36
C LYS B 167 -4.83 0.33 8.60
N GLU B 168 -5.15 -0.74 7.88
CA GLU B 168 -6.48 -1.33 7.97
C GLU B 168 -6.67 -2.10 9.27
N LEU B 169 -5.59 -2.64 9.83
CA LEU B 169 -5.69 -3.32 11.11
C LEU B 169 -5.99 -2.28 12.20
N SER B 170 -5.27 -1.16 12.15
CA SER B 170 -5.45 -0.08 13.12
C SER B 170 -6.88 0.45 13.12
N LYS B 171 -7.51 0.54 11.96
CA LYS B 171 -8.89 1.02 11.90
C LYS B 171 -9.84 0.06 12.60
N GLU B 172 -9.58 -1.23 12.46
CA GLU B 172 -10.45 -2.23 13.01
C GLU B 172 -10.35 -2.20 14.53
N LEU B 173 -9.15 -1.89 15.02
CA LEU B 173 -8.94 -1.90 16.47
C LEU B 173 -9.14 -0.50 17.06
N ASN B 174 -9.38 0.48 16.18
CA ASN B 174 -9.49 1.88 16.57
C ASN B 174 -8.24 2.43 17.27
N ILE B 175 -7.07 2.12 16.71
CA ILE B 175 -5.81 2.63 17.23
C ILE B 175 -5.22 3.68 16.30
N GLN B 176 -5.10 4.89 16.83
CA GLN B 176 -4.70 6.03 16.01
C GLN B 176 -3.27 5.94 15.47
N GLU B 177 -2.32 5.53 16.31
CA GLU B 177 -0.91 5.71 16.00
C GLU B 177 -0.14 4.42 15.64
N TYR B 178 0.45 4.39 14.45
CA TYR B 178 1.14 3.20 13.94
C TYR B 178 2.23 3.55 12.90
N TYR B 179 3.16 2.62 12.69
CA TYR B 179 4.27 2.76 11.74
C TYR B 179 4.47 1.47 10.93
N SER B 180 4.66 1.60 9.61
CA SER B 180 4.86 0.45 8.72
C SER B 180 6.19 0.45 7.97
N ASN B 181 6.43 -0.59 7.17
CA ASN B 181 7.69 -0.74 6.42
C ASN B 181 8.96 -0.62 7.27
N LEU B 182 8.81 -0.90 8.56
CA LEU B 182 9.90 -0.73 9.52
C LEU B 182 10.93 -1.87 9.54
N SER B 183 12.15 -1.55 9.94
CA SER B 183 13.20 -2.54 10.14
C SER B 183 13.50 -2.67 11.63
N PRO B 184 14.19 -3.76 12.01
CA PRO B 184 14.56 -4.01 13.41
C PRO B 184 15.27 -2.86 14.13
N GLU B 185 16.16 -2.15 13.44
CA GLU B 185 16.84 -1.01 14.08
C GLU B 185 15.91 0.17 14.14
N ASP B 186 15.07 0.31 13.12
CA ASP B 186 14.04 1.34 13.15
C ASP B 186 13.18 1.12 14.40
N LYS B 187 12.81 -0.14 14.65
CA LYS B 187 12.01 -0.48 15.83
C LYS B 187 12.77 -0.16 17.11
N VAL B 188 14.05 -0.47 17.14
CA VAL B 188 14.87 -0.14 18.29
C VAL B 188 14.91 1.37 18.52
N ARG B 189 15.07 2.13 17.44
CA ARG B 189 15.25 3.58 17.53
C ARG B 189 14.01 4.28 18.09
N ILE B 190 12.84 3.74 17.77
CA ILE B 190 11.57 4.24 18.30
C ILE B 190 11.49 4.01 19.81
N ILE B 191 12.02 2.87 20.27
CA ILE B 191 11.97 2.56 21.70
C ILE B 191 12.81 3.53 22.53
N GLU B 192 14.01 3.86 22.05
CA GLU B 192 14.85 4.83 22.73
C GLU B 192 14.20 6.21 22.68
N LYS B 193 13.70 6.58 21.51
CA LYS B 193 13.03 7.87 21.36
C LYS B 193 11.99 8.10 22.45
N LEU B 194 11.14 7.10 22.71
CA LEU B 194 10.12 7.19 23.76
C LEU B 194 10.75 7.13 25.15
N LYS B 195 11.70 6.23 25.31
CA LYS B 195 12.43 6.10 26.57
C LYS B 195 13.02 7.45 26.99
N GLN B 196 13.66 8.13 26.02
CA GLN B 196 14.34 9.39 26.29
C GLN B 196 13.38 10.53 26.55
N ASN B 197 12.11 10.29 26.24
CA ASN B 197 11.09 11.33 26.31
C ASN B 197 10.31 11.26 27.62
N GLY B 198 10.74 10.38 28.52
CA GLY B 198 10.11 10.21 29.81
C GLY B 198 9.11 9.07 29.92
N ASN B 199 8.83 8.40 28.81
CA ASN B 199 7.81 7.34 28.80
C ASN B 199 8.27 6.02 29.44
N LYS B 200 7.38 5.37 30.17
CA LYS B 200 7.62 4.01 30.67
C LYS B 200 6.97 2.96 29.75
N VAL B 201 7.79 2.15 29.09
CA VAL B 201 7.32 1.35 27.97
C VAL B 201 7.26 -0.17 28.16
N LEU B 202 6.05 -0.72 28.03
CA LEU B 202 5.87 -2.17 27.96
C LEU B 202 5.77 -2.57 26.49
N MET B 203 6.64 -3.48 26.06
CA MET B 203 6.57 -3.96 24.68
C MET B 203 6.22 -5.43 24.60
N ILE B 204 5.32 -5.75 23.67
CA ILE B 204 4.90 -7.12 23.40
C ILE B 204 5.35 -7.55 21.99
N GLY B 205 6.21 -8.56 21.93
CA GLY B 205 6.73 -9.05 20.66
C GLY B 205 6.83 -10.55 20.48
N ASP B 206 7.57 -10.98 19.46
CA ASP B 206 7.68 -12.42 19.14
C ASP B 206 8.85 -13.10 19.82
N GLY B 207 9.81 -12.31 20.30
CA GLY B 207 10.94 -12.82 21.09
C GLY B 207 12.02 -13.48 20.25
N VAL B 208 11.70 -13.79 18.99
CA VAL B 208 12.64 -14.36 18.04
C VAL B 208 13.39 -13.29 17.22
N ASN B 209 12.63 -12.39 16.57
CA ASN B 209 13.18 -11.46 15.57
C ASN B 209 13.35 -10.00 16.02
N ASP B 210 12.94 -9.73 17.25
CA ASP B 210 12.92 -8.36 17.77
C ASP B 210 13.53 -8.30 19.16
N ALA B 211 14.51 -9.17 19.41
CA ALA B 211 15.11 -9.30 20.72
C ALA B 211 15.73 -8.01 21.27
N ALA B 212 16.44 -7.28 20.41
CA ALA B 212 17.11 -6.03 20.78
C ALA B 212 16.11 -4.95 21.20
N ALA B 213 15.09 -4.75 20.36
CA ALA B 213 13.98 -3.87 20.72
C ALA B 213 13.39 -4.23 22.09
N LEU B 214 13.18 -5.52 22.33
CA LEU B 214 12.60 -6.01 23.58
C LEU B 214 13.52 -5.78 24.79
N ALA B 215 14.82 -5.85 24.57
CA ALA B 215 15.82 -5.62 25.63
C ALA B 215 15.82 -4.17 26.16
N LEU B 216 15.41 -3.22 25.33
CA LEU B 216 15.33 -1.81 25.72
C LEU B 216 14.12 -1.43 26.57
N ALA B 217 13.01 -2.13 26.39
CA ALA B 217 11.77 -1.76 27.05
C ALA B 217 11.86 -1.90 28.57
N ASP B 218 11.14 -1.07 29.30
CA ASP B 218 11.10 -1.18 30.76
C ASP B 218 10.48 -2.52 31.22
N VAL B 219 9.52 -3.03 30.44
CA VAL B 219 9.01 -4.40 30.63
C VAL B 219 8.74 -5.10 29.28
N SER B 220 9.38 -6.24 29.06
CA SER B 220 9.27 -6.97 27.79
C SER B 220 8.42 -8.23 27.95
N VAL B 221 7.56 -8.48 26.97
CA VAL B 221 6.74 -9.67 26.94
C VAL B 221 6.92 -10.39 25.59
N ALA B 222 7.37 -11.64 25.63
CA ALA B 222 7.44 -12.48 24.43
C ALA B 222 6.26 -13.49 24.32
N MET B 223 5.58 -13.50 23.18
CA MET B 223 4.50 -14.47 22.95
C MET B 223 4.93 -15.56 22.02
N GLY B 224 5.01 -16.78 22.53
CA GLY B 224 5.31 -17.94 21.70
C GLY B 224 5.55 -19.08 22.64
N ASN B 225 5.97 -20.24 22.14
CA ASN B 225 6.39 -21.29 23.05
C ASN B 225 7.84 -21.13 23.54
N GLY B 226 8.07 -21.53 24.80
CA GLY B 226 9.35 -21.35 25.46
C GLY B 226 10.56 -21.77 24.65
N VAL B 227 10.50 -22.98 24.09
CA VAL B 227 11.63 -23.59 23.36
C VAL B 227 12.09 -22.76 22.16
N ASP B 228 11.21 -21.92 21.64
CA ASP B 228 11.51 -21.09 20.47
C ASP B 228 12.33 -19.81 20.76
N ILE B 229 11.76 -18.91 21.57
CA ILE B 229 12.32 -17.57 21.87
C ILE B 229 13.86 -17.42 21.78
N SER B 230 14.59 -18.28 22.49
CA SER B 230 14.02 -19.27 23.42
C SER B 230 14.80 -19.11 24.71
N LYS B 231 15.56 -18.03 24.75
CA LYS B 231 16.38 -17.70 25.91
C LYS B 231 15.56 -16.85 26.86
N ASN B 232 16.16 -16.50 28.00
CA ASN B 232 15.55 -15.55 28.93
C ASN B 232 15.52 -14.18 28.28
N VAL B 233 14.89 -14.15 27.11
CA VAL B 233 14.77 -12.97 26.27
C VAL B 233 13.99 -11.84 26.97
N ALA B 234 12.78 -12.16 27.45
CA ALA B 234 11.88 -11.15 27.98
C ALA B 234 11.63 -11.36 29.47
N ASP B 235 11.15 -10.30 30.14
CA ASP B 235 10.79 -10.36 31.57
C ASP B 235 9.63 -11.31 31.78
N ILE B 236 8.81 -11.47 30.74
CA ILE B 236 7.64 -12.35 30.78
C ILE B 236 7.43 -13.14 29.45
N ILE B 237 7.27 -14.45 29.56
CA ILE B 237 6.91 -15.29 28.40
C ILE B 237 5.49 -15.86 28.51
N LEU B 238 4.67 -15.62 27.50
CA LEU B 238 3.28 -16.07 27.47
C LEU B 238 3.15 -17.40 26.65
N VAL B 239 3.10 -18.53 27.35
CA VAL B 239 3.18 -19.85 26.68
C VAL B 239 1.84 -20.34 26.15
N SER B 240 0.77 -19.81 26.73
CA SER B 240 -0.58 -20.26 26.45
C SER B 240 -1.15 -19.72 25.13
N ASN B 241 -0.46 -18.79 24.49
CA ASN B 241 -1.01 -18.15 23.29
C ASN B 241 -2.43 -17.63 23.50
N ASP B 242 -2.63 -16.94 24.62
CA ASP B 242 -3.94 -16.39 24.96
C ASP B 242 -3.69 -14.99 25.47
N ILE B 243 -3.84 -14.01 24.58
CA ILE B 243 -3.43 -12.65 24.87
C ILE B 243 -4.33 -11.97 25.92
N GLY B 244 -5.58 -12.41 26.03
CA GLY B 244 -6.56 -11.81 26.94
C GLY B 244 -6.12 -11.83 28.40
N THR B 245 -5.70 -13.01 28.85
CA THR B 245 -5.01 -13.17 30.14
C THR B 245 -4.01 -12.04 30.47
N LEU B 246 -3.07 -11.79 29.57
CA LEU B 246 -2.06 -10.75 29.76
C LEU B 246 -2.65 -9.33 29.83
N LEU B 247 -3.58 -9.04 28.92
CA LEU B 247 -4.19 -7.72 28.84
C LEU B 247 -5.07 -7.43 30.08
N GLY B 248 -5.62 -8.47 30.68
CA GLY B 248 -6.40 -8.33 31.90
C GLY B 248 -5.53 -8.03 33.11
N LEU B 249 -4.33 -8.61 33.13
CA LEU B 249 -3.37 -8.36 34.18
C LEU B 249 -2.79 -6.95 34.12
N ILE B 250 -2.54 -6.46 32.91
CA ILE B 250 -2.06 -5.09 32.74
C ILE B 250 -3.14 -4.12 33.19
N LYS B 251 -4.37 -4.33 32.71
CA LYS B 251 -5.51 -3.53 33.16
C LYS B 251 -5.67 -3.54 34.70
N ASN B 252 -5.45 -4.68 35.34
CA ASN B 252 -5.49 -4.73 36.80
C ASN B 252 -4.32 -4.03 37.50
N ARG B 253 -3.13 -4.18 36.93
CA ARG B 253 -1.92 -3.47 37.37
C ARG B 253 -1.18 -4.19 38.50
C' A99 C . -7.66 4.07 -17.75
N1 A99 C . -8.17 -5.44 -20.73
C2 A99 C . -7.91 -5.74 -19.45
N3 A99 C . -8.67 -5.34 -18.41
C4 A99 C . -9.79 -4.60 -18.60
C5 A99 C . -10.14 -4.22 -19.99
C6 A99 C . -9.26 -4.70 -21.09
N6 A99 C . -9.49 -4.43 -22.40
N7 A99 C . -11.27 -3.49 -19.88
C8 A99 C . -11.61 -3.40 -18.55
N9 A99 C . -10.71 -4.06 -17.80
PA A99 C . -13.60 -0.02 -17.10
PB A99 C . -12.15 2.30 -16.61
PG A99 C . -9.53 3.04 -16.07
O'L A99 C . -8.01 7.64 -16.84
O'M A99 C . -6.81 7.57 -18.57
C1' A99 C . -5.15 6.56 -16.09
O1A A99 C . -14.64 0.61 -16.19
C1B A99 C . -10.74 -4.21 -16.30
O1B A99 C . -13.13 3.02 -17.50
O1G A99 C . -9.38 1.94 -15.03
C2' A99 C . -6.26 6.16 -16.83
N2' A99 C . -7.05 7.17 -17.45
O2' A99 C . -9.28 -3.91 -14.46
O2A A99 C . -13.84 -0.15 -18.59
C2B A99 C . -9.74 -3.27 -15.67
O2B A99 C . -12.19 2.45 -15.10
O2G A99 C . -8.18 2.99 -16.97
C3' A99 C . -6.53 4.68 -16.97
O3' A99 C . -9.98 -1.17 -14.44
O3A A99 C . -12.21 0.72 -16.93
C3B A99 C . -10.57 -2.04 -15.41
O3B A99 C . -10.65 2.59 -17.12
O3G A99 C . -9.83 4.47 -15.64
C4' A99 C . -5.67 3.80 -16.33
O4' A99 C . -12.02 -3.84 -15.75
C4B A99 C . -11.88 -2.64 -14.96
C5' A99 C . -4.59 4.26 -15.59
O5' A99 C . -13.21 -1.48 -16.53
C5B A99 C . -13.08 -1.73 -15.14
C6' A99 C . -4.33 5.62 -15.48
CM' A99 C . -8.77 5.01 -18.21
PG ATP D . 8.22 -9.87 12.86
O1G ATP D . 7.77 -11.28 13.19
O2G ATP D . 9.68 -9.64 13.15
O3G ATP D . 7.28 -8.79 13.35
PB ATP D . 7.44 -8.76 10.26
O1B ATP D . 7.89 -7.38 10.67
O2B ATP D . 5.95 -9.04 10.16
O3B ATP D . 8.10 -9.88 11.23
PA ATP D . 9.67 -9.17 8.52
O1A ATP D . 10.27 -7.86 8.98
O2A ATP D . 10.30 -10.48 8.91
O3A ATP D . 8.08 -9.18 8.84
O5' ATP D . 9.57 -9.14 6.91
C5' ATP D . 9.42 -7.90 6.23
C4' ATP D . 8.92 -8.20 4.83
O4' ATP D . 9.91 -8.89 4.08
C3' ATP D . 7.70 -9.10 4.83
O3' ATP D . 6.48 -8.35 4.89
C2' ATP D . 7.83 -9.85 3.53
O2' ATP D . 7.20 -9.09 2.48
C1' ATP D . 9.32 -9.90 3.26
N9 ATP D . 9.92 -11.20 3.66
C8 ATP D . 10.63 -11.37 4.80
N7 ATP D . 11.08 -12.65 4.88
C5 ATP D . 10.67 -13.31 3.80
C6 ATP D . 10.80 -14.70 3.29
N6 ATP D . 11.49 -15.64 3.99
N1 ATP D . 10.21 -14.98 2.10
C2 ATP D . 9.54 -14.06 1.41
N3 ATP D . 9.38 -12.78 1.82
C4 ATP D . 9.91 -12.34 2.99
#